data_2X91
#
_entry.id   2X91
#
_cell.length_a   172.807
_cell.length_b   172.807
_cell.length_c   102.519
_cell.angle_alpha   90.00
_cell.angle_beta   90.00
_cell.angle_gamma   120.00
#
_symmetry.space_group_name_H-M   'H 3'
#
loop_
_entity.id
_entity.type
_entity.pdbx_description
1 polymer 'ANGIOTENSIN CONVERTING ENZYME'
2 branched beta-D-mannopyranose-(1-6)-alpha-D-mannopyranose-(1-3)-[alpha-D-mannopyranose-(1-6)]beta-D-mannopyranose-(1-4)-2-acetamido-2-deoxy-beta-D-glucopyranose-(1-4)-2-acetamido-2-deoxy-beta-D-glucopyranose
3 non-polymer [N2-[(S)-1-CARBOXY-3-PHENYLPROPYL]-L-LYSYL-L-PROLINE
4 non-polymer '4-(2-HYDROXYETHYL)-1-PIPERAZINE ETHANESULFONIC ACID'
5 non-polymer 'ZINC ION'
6 non-polymer 2-acetamido-2-deoxy-beta-D-glucopyranose
7 water water
#
_entity_poly.entity_id   1
_entity_poly.type   'polypeptide(L)'
_entity_poly.pdbx_seq_one_letter_code
;ALVKEEIQAKEYLENLNKELAKRTNVETEAAWAYGSNITDENEKKKNEISAELAKFMKEVASDTTKFQWRSYQSEDLKRQ
FKALTKLGYAALPEDDYAELLDTLSAMESNFAKVKVCDYKDSTKCDLALDPEIEEVISKSRDHEELAYYWREFYDKAGTA
VRSQFERYVELNTKAAKLNNFTSGAEAWLDEYEDDTFEQQLEDIFADIRPLYQQIHGYVRFRLRKHYGDAVVSETGPIPM
HLLGNMWAQQWSEIADIVSPFPEKPLVDVSAEMEKQGYTPLKMFQMGDDFFTSMNLTKLPQDFWDKSIIEKPTDGRDLVC
HASAWDFYLTDDVRIKQCTRVTQDQLFTVHHELGHIQYFLQYQHQPFVYRTGANPGFHEAVGDVLSLSVSTPKHLEKIGL
LKDYVRDDEARINQLFLTALDKIVFLPFAFTMDKYRWSLFRGEVDKANWNCAFWKLRDEYSGIEPPVVRSEKDFDAPAKY
HISADVEYLRYLVSFIIQFQFYKSACIKAGQYDPDNVELPLDNCDIYGSAAAGAAFHNMLSMGASKPWPDALEAFNGERI
MSGKAIAEYFEPLRVWLEAENIKNNVHIGWTTSNKCVS
;
_entity_poly.pdbx_strand_id   A
#
# COMPACT_ATOMS: atom_id res chain seq x y z
N LYS A 4 -11.01 5.30 -42.78
CA LYS A 4 -12.44 4.88 -42.58
C LYS A 4 -12.58 3.59 -41.77
N GLU A 5 -11.45 2.89 -41.57
CA GLU A 5 -11.40 1.66 -40.77
C GLU A 5 -11.68 1.94 -39.29
N GLU A 6 -11.42 3.17 -38.87
CA GLU A 6 -11.62 3.62 -37.50
C GLU A 6 -13.06 3.48 -37.01
N ILE A 7 -14.02 3.68 -37.91
CA ILE A 7 -15.44 3.55 -37.59
C ILE A 7 -15.76 2.12 -37.14
N GLN A 8 -15.30 1.15 -37.91
CA GLN A 8 -15.44 -0.27 -37.60
C GLN A 8 -14.71 -0.64 -36.31
N ALA A 9 -13.51 -0.08 -36.12
CA ALA A 9 -12.70 -0.32 -34.93
C ALA A 9 -13.36 0.21 -33.65
N LYS A 10 -13.97 1.40 -33.75
CA LYS A 10 -14.69 2.00 -32.63
C LYS A 10 -15.81 1.09 -32.15
N GLU A 11 -16.56 0.51 -33.08
CA GLU A 11 -17.64 -0.42 -32.77
C GLU A 11 -17.11 -1.73 -32.21
N TYR A 12 -15.97 -2.18 -32.72
CA TYR A 12 -15.29 -3.38 -32.22
C TYR A 12 -14.89 -3.23 -30.76
N LEU A 13 -14.30 -2.08 -30.42
CA LEU A 13 -13.82 -1.82 -29.06
C LEU A 13 -14.98 -1.72 -28.07
N GLU A 14 -16.02 -0.99 -28.47
CA GLU A 14 -17.20 -0.80 -27.64
C GLU A 14 -17.76 -2.15 -27.19
N ASN A 15 -17.91 -3.06 -28.15
CA ASN A 15 -18.40 -4.41 -27.88
CA ASN A 15 -18.40 -4.42 -27.89
C ASN A 15 -17.41 -5.26 -27.07
N LEU A 16 -16.12 -5.15 -27.42
CA LEU A 16 -15.09 -5.95 -26.75
C LEU A 16 -14.90 -5.55 -25.28
N ASN A 17 -14.92 -4.24 -25.01
CA ASN A 17 -14.83 -3.73 -23.65
C ASN A 17 -15.93 -4.30 -22.75
N LYS A 18 -17.15 -4.34 -23.27
CA LYS A 18 -18.28 -4.87 -22.50
C LYS A 18 -18.15 -6.37 -22.26
N GLU A 19 -17.64 -7.08 -23.26
CA GLU A 19 -17.36 -8.52 -23.12
C GLU A 19 -16.26 -8.79 -22.08
N LEU A 20 -15.23 -7.96 -22.08
CA LEU A 20 -14.12 -8.11 -21.13
C LEU A 20 -14.57 -7.87 -19.69
N ALA A 21 -15.43 -6.87 -19.49
CA ALA A 21 -16.00 -6.58 -18.18
C ALA A 21 -16.77 -7.79 -17.64
N LYS A 22 -17.60 -8.37 -18.51
CA LYS A 22 -18.43 -9.51 -18.15
C LYS A 22 -17.61 -10.75 -17.81
N ARG A 23 -16.58 -11.02 -18.61
CA ARG A 23 -15.69 -12.14 -18.35
C ARG A 23 -14.84 -11.92 -17.10
N THR A 24 -14.47 -10.66 -16.84
CA THR A 24 -13.65 -10.33 -15.67
C THR A 24 -14.49 -10.38 -14.39
N ASN A 25 -15.78 -10.05 -14.52
CA ASN A 25 -16.74 -10.21 -13.43
C ASN A 25 -16.71 -11.64 -12.87
N VAL A 26 -16.73 -12.63 -13.78
CA VAL A 26 -16.70 -14.04 -13.41
C VAL A 26 -15.40 -14.42 -12.68
N GLU A 27 -14.27 -13.95 -13.21
CA GLU A 27 -12.97 -14.18 -12.59
C GLU A 27 -12.91 -13.57 -11.20
N THR A 28 -13.38 -12.32 -11.10
CA THR A 28 -13.35 -11.58 -9.84
C THR A 28 -14.22 -12.25 -8.77
N GLU A 29 -15.41 -12.73 -9.16
CA GLU A 29 -16.28 -13.46 -8.25
C GLU A 29 -15.60 -14.72 -7.69
N ALA A 30 -14.91 -15.45 -8.55
CA ALA A 30 -14.15 -16.63 -8.15
C ALA A 30 -12.98 -16.28 -7.21
N ALA A 31 -12.28 -15.19 -7.51
CA ALA A 31 -11.16 -14.71 -6.69
C ALA A 31 -11.63 -14.20 -5.34
N TRP A 32 -12.81 -13.57 -5.33
CA TRP A 32 -13.46 -13.12 -4.10
C TRP A 32 -13.83 -14.32 -3.22
N ALA A 33 -14.43 -15.34 -3.84
CA ALA A 33 -14.86 -16.54 -3.13
C ALA A 33 -13.70 -17.25 -2.46
N TYR A 34 -12.55 -17.29 -3.13
CA TYR A 34 -11.35 -17.93 -2.59
C TYR A 34 -10.73 -17.12 -1.46
N GLY A 35 -10.63 -15.81 -1.65
CA GLY A 35 -10.07 -14.91 -0.65
C GLY A 35 -10.91 -14.85 0.62
N SER A 36 -12.22 -15.02 0.46
CA SER A 36 -13.17 -15.01 1.58
C SER A 36 -13.25 -16.36 2.28
N ASN A 37 -12.69 -17.38 1.63
CA ASN A 37 -12.94 -18.76 1.99
C ASN A 37 -11.94 -19.71 1.32
N ILE A 38 -10.76 -19.83 1.91
CA ILE A 38 -9.68 -20.62 1.31
C ILE A 38 -9.94 -22.12 1.43
N THR A 39 -10.22 -22.75 0.29
CA THR A 39 -10.37 -24.21 0.21
C THR A 39 -9.72 -24.70 -1.07
N ASP A 40 -9.42 -26.00 -1.12
CA ASP A 40 -8.87 -26.63 -2.33
C ASP A 40 -9.81 -26.46 -3.52
N GLU A 41 -11.12 -26.55 -3.27
CA GLU A 41 -12.12 -26.44 -4.33
C GLU A 41 -12.24 -25.02 -4.88
N ASN A 42 -12.24 -24.03 -4.00
CA ASN A 42 -12.28 -22.62 -4.41
C ASN A 42 -11.01 -22.19 -5.14
N GLU A 43 -9.87 -22.73 -4.72
CA GLU A 43 -8.59 -22.51 -5.39
C GLU A 43 -8.65 -22.98 -6.85
N LYS A 44 -9.11 -24.22 -7.01
CA LYS A 44 -9.31 -24.83 -8.32
C LYS A 44 -10.23 -23.98 -9.20
N LYS A 45 -11.32 -23.48 -8.64
CA LYS A 45 -12.28 -22.66 -9.37
C LYS A 45 -11.70 -21.30 -9.78
N LYS A 46 -11.00 -20.64 -8.84
CA LYS A 46 -10.36 -19.36 -9.12
C LYS A 46 -9.39 -19.48 -10.29
N ASN A 47 -8.53 -20.49 -10.23
CA ASN A 47 -7.45 -20.66 -11.20
C ASN A 47 -7.92 -21.15 -12.57
N GLU A 48 -9.01 -21.91 -12.58
CA GLU A 48 -9.56 -22.41 -13.85
C GLU A 48 -10.26 -21.31 -14.63
N ILE A 49 -10.98 -20.43 -13.92
CA ILE A 49 -11.61 -19.27 -14.55
C ILE A 49 -10.56 -18.30 -15.08
N SER A 50 -9.49 -18.09 -14.31
CA SER A 50 -8.38 -17.23 -14.72
C SER A 50 -7.72 -17.73 -16.00
N ALA A 51 -7.49 -19.03 -16.08
CA ALA A 51 -6.92 -19.67 -17.27
C ALA A 51 -7.81 -19.47 -18.50
N GLU A 52 -9.12 -19.54 -18.29
CA GLU A 52 -10.11 -19.34 -19.34
C GLU A 52 -10.11 -17.89 -19.84
N LEU A 53 -9.99 -16.94 -18.90
CA LEU A 53 -9.92 -15.53 -19.26
C LEU A 53 -8.60 -15.21 -19.97
N ALA A 54 -7.50 -15.82 -19.52
CA ALA A 54 -6.20 -15.65 -20.15
C ALA A 54 -6.22 -16.09 -21.61
N LYS A 55 -6.88 -17.21 -21.87
CA LYS A 55 -7.03 -17.76 -23.22
C LYS A 55 -7.78 -16.78 -24.13
N PHE A 56 -8.83 -16.15 -23.60
CA PHE A 56 -9.59 -15.16 -24.36
C PHE A 56 -8.77 -13.90 -24.67
N MET A 57 -8.02 -13.43 -23.70
CA MET A 57 -7.17 -12.26 -23.88
C MET A 57 -6.16 -12.50 -24.99
N LYS A 58 -5.58 -13.70 -25.01
CA LYS A 58 -4.63 -14.07 -26.05
C LYS A 58 -5.25 -13.93 -27.42
N GLU A 59 -6.47 -14.43 -27.57
CA GLU A 59 -7.18 -14.34 -28.83
C GLU A 59 -7.48 -12.88 -29.16
N VAL A 60 -7.69 -12.07 -28.13
CA VAL A 60 -7.96 -10.65 -28.32
C VAL A 60 -6.72 -9.94 -28.83
N ALA A 61 -5.57 -10.22 -28.22
CA ALA A 61 -4.31 -9.63 -28.63
C ALA A 61 -3.99 -10.01 -30.07
N SER A 62 -4.26 -11.25 -30.43
CA SER A 62 -4.10 -11.74 -31.80
C SER A 62 -5.01 -11.00 -32.78
N ASP A 63 -6.27 -10.79 -32.39
CA ASP A 63 -7.25 -10.09 -33.23
C ASP A 63 -6.95 -8.61 -33.46
N THR A 64 -6.20 -7.98 -32.56
CA THR A 64 -5.84 -6.56 -32.71
C THR A 64 -4.97 -6.29 -33.94
N THR A 65 -4.21 -7.30 -34.36
CA THR A 65 -3.32 -7.19 -35.52
C THR A 65 -4.09 -7.05 -36.84
N LYS A 66 -5.37 -7.40 -36.81
CA LYS A 66 -6.26 -7.23 -37.95
C LYS A 66 -6.66 -5.77 -38.15
N PHE A 67 -6.37 -4.93 -37.15
CA PHE A 67 -6.66 -3.50 -37.22
C PHE A 67 -5.36 -2.71 -37.36
N GLN A 68 -5.36 -1.74 -38.28
CA GLN A 68 -4.22 -0.86 -38.49
C GLN A 68 -4.21 0.24 -37.45
N TRP A 69 -4.31 -0.14 -36.18
CA TRP A 69 -4.60 0.84 -35.11
C TRP A 69 -3.57 1.93 -34.91
N ARG A 70 -2.29 1.62 -35.16
CA ARG A 70 -1.22 2.62 -35.06
C ARG A 70 -1.34 3.72 -36.12
N SER A 71 -2.12 3.46 -37.16
CA SER A 71 -2.36 4.42 -38.24
C SER A 71 -3.53 5.36 -37.98
N TYR A 72 -4.25 5.15 -36.88
CA TYR A 72 -5.49 5.89 -36.61
C TYR A 72 -5.31 7.36 -36.22
N GLN A 73 -6.32 8.15 -36.51
CA GLN A 73 -6.36 9.56 -36.11
C GLN A 73 -6.67 9.74 -34.63
N SER A 74 -7.56 8.89 -34.11
CA SER A 74 -8.05 9.02 -32.74
C SER A 74 -7.04 8.50 -31.72
N GLU A 75 -6.53 9.39 -30.88
CA GLU A 75 -5.65 9.01 -29.77
C GLU A 75 -6.37 8.07 -28.80
N ASP A 76 -7.67 8.28 -28.63
CA ASP A 76 -8.49 7.45 -27.74
C ASP A 76 -8.57 6.00 -28.22
N LEU A 77 -8.85 5.81 -29.50
CA LEU A 77 -8.91 4.46 -30.07
C LEU A 77 -7.55 3.77 -29.98
N LYS A 78 -6.49 4.50 -30.33
CA LYS A 78 -5.12 3.99 -30.24
C LYS A 78 -4.75 3.58 -28.81
N ARG A 79 -5.13 4.40 -27.84
CA ARG A 79 -4.85 4.11 -26.42
C ARG A 79 -5.53 2.81 -25.98
N GLN A 80 -6.78 2.62 -26.40
CA GLN A 80 -7.54 1.41 -26.08
C GLN A 80 -6.91 0.16 -26.69
N PHE A 81 -6.60 0.24 -27.99
CA PHE A 81 -5.94 -0.87 -28.67
C PHE A 81 -4.59 -1.23 -28.04
N LYS A 82 -3.81 -0.22 -27.67
CA LYS A 82 -2.52 -0.45 -27.03
C LYS A 82 -2.68 -1.23 -25.72
N ALA A 83 -3.68 -0.84 -24.92
CA ALA A 83 -4.01 -1.55 -23.68
C ALA A 83 -4.34 -3.02 -23.92
N LEU A 84 -5.04 -3.31 -25.01
CA LEU A 84 -5.42 -4.68 -25.38
C LEU A 84 -4.25 -5.57 -25.82
N THR A 85 -3.20 -4.95 -26.37
CA THR A 85 -2.04 -5.71 -26.83
C THR A 85 -1.19 -6.21 -25.66
N LYS A 86 -1.32 -5.54 -24.52
CA LYS A 86 -0.51 -5.86 -23.35
C LYS A 86 -1.16 -6.99 -22.56
N LEU A 87 -0.57 -8.18 -22.65
CA LEU A 87 -1.17 -9.40 -22.13
C LEU A 87 -0.82 -9.76 -20.70
N GLY A 88 0.34 -9.30 -20.22
CA GLY A 88 0.86 -9.71 -18.93
C GLY A 88 1.08 -11.21 -18.87
N TYR A 89 0.66 -11.83 -17.78
CA TYR A 89 0.81 -13.28 -17.59
C TYR A 89 0.06 -14.10 -18.64
N ALA A 90 -0.99 -13.52 -19.21
CA ALA A 90 -1.82 -14.20 -20.21
C ALA A 90 -1.05 -14.53 -21.51
N ALA A 91 0.14 -13.96 -21.67
CA ALA A 91 0.99 -14.25 -22.82
C ALA A 91 1.63 -15.63 -22.75
N LEU A 92 1.69 -16.20 -21.54
CA LEU A 92 2.33 -17.50 -21.32
C LEU A 92 1.58 -18.64 -22.01
N PRO A 93 2.31 -19.69 -22.42
CA PRO A 93 1.64 -20.90 -22.90
C PRO A 93 0.65 -21.41 -21.86
N GLU A 94 -0.38 -22.12 -22.32
CA GLU A 94 -1.45 -22.61 -21.46
C GLU A 94 -0.94 -23.29 -20.19
N ASP A 95 -0.02 -24.25 -20.35
CA ASP A 95 0.53 -25.00 -19.23
C ASP A 95 1.35 -24.14 -18.26
N ASP A 96 2.11 -23.19 -18.82
CA ASP A 96 2.94 -22.30 -18.00
C ASP A 96 2.11 -21.34 -17.17
N TYR A 97 1.00 -20.87 -17.74
CA TYR A 97 0.09 -20.00 -17.02
C TYR A 97 -0.60 -20.74 -15.87
N ALA A 98 -1.01 -21.98 -16.12
CA ALA A 98 -1.64 -22.81 -15.09
C ALA A 98 -0.68 -23.06 -13.92
N GLU A 99 0.58 -23.35 -14.24
CA GLU A 99 1.59 -23.55 -13.21
C GLU A 99 1.81 -22.29 -12.39
N LEU A 100 1.87 -21.13 -13.05
CA LEU A 100 2.04 -19.86 -12.35
C LEU A 100 0.89 -19.59 -11.39
N LEU A 101 -0.34 -19.83 -11.84
CA LEU A 101 -1.52 -19.65 -11.01
C LEU A 101 -1.47 -20.52 -9.75
N ASP A 102 -1.05 -21.78 -9.93
CA ASP A 102 -0.92 -22.73 -8.81
C ASP A 102 0.16 -22.27 -7.83
N THR A 103 1.25 -21.71 -8.37
CA THR A 103 2.35 -21.20 -7.56
C THR A 103 1.92 -19.98 -6.74
N LEU A 104 1.17 -19.07 -7.37
CA LEU A 104 0.64 -17.88 -6.72
C LEU A 104 -0.35 -18.19 -5.59
N SER A 105 -1.26 -19.14 -5.83
CA SER A 105 -2.21 -19.51 -4.80
C SER A 105 -1.52 -20.27 -3.65
N ALA A 106 -0.51 -21.06 -3.97
CA ALA A 106 0.31 -21.72 -2.96
C ALA A 106 0.95 -20.71 -1.99
N MET A 107 1.47 -19.62 -2.55
CA MET A 107 2.11 -18.58 -1.75
C MET A 107 1.13 -17.75 -0.93
N GLU A 108 0.05 -17.29 -1.56
CA GLU A 108 -0.94 -16.48 -0.84
C GLU A 108 -1.64 -17.28 0.26
N SER A 109 -2.00 -18.53 -0.04
CA SER A 109 -2.68 -19.38 0.96
C SER A 109 -1.75 -19.76 2.12
N ASN A 110 -0.49 -20.03 1.82
CA ASN A 110 0.52 -20.26 2.86
C ASN A 110 0.57 -19.07 3.82
N PHE A 111 0.68 -17.87 3.26
CA PHE A 111 0.70 -16.64 4.04
C PHE A 111 -0.54 -16.53 4.92
N ALA A 112 -1.70 -16.76 4.32
CA ALA A 112 -2.98 -16.60 5.01
C ALA A 112 -3.25 -17.67 6.08
N LYS A 113 -2.56 -18.79 6.00
CA LYS A 113 -2.79 -19.90 6.92
C LYS A 113 -1.73 -20.03 8.02
N VAL A 114 -0.83 -19.05 8.12
CA VAL A 114 0.24 -19.08 9.12
C VAL A 114 -0.34 -19.02 10.54
N LYS A 115 0.10 -19.94 11.39
CA LYS A 115 -0.29 -19.96 12.79
C LYS A 115 0.94 -20.24 13.65
N VAL A 116 1.08 -19.52 14.75
CA VAL A 116 2.22 -19.72 15.64
C VAL A 116 1.78 -20.10 17.04
N CYS A 117 2.71 -20.64 17.83
CA CYS A 117 2.45 -21.00 19.21
C CYS A 117 2.66 -19.81 20.14
N ASP A 118 1.81 -19.74 21.17
CA ASP A 118 1.89 -18.69 22.18
C ASP A 118 3.27 -18.69 22.83
N TYR A 119 3.82 -17.49 23.03
CA TYR A 119 5.13 -17.31 23.67
C TYR A 119 5.17 -17.88 25.08
N LYS A 120 4.05 -17.79 25.79
CA LYS A 120 3.93 -18.26 27.17
C LYS A 120 3.29 -19.64 27.29
N ASP A 121 2.68 -20.11 26.21
CA ASP A 121 1.91 -21.35 26.22
C ASP A 121 2.12 -22.15 24.93
N SER A 122 3.10 -23.04 24.94
CA SER A 122 3.46 -23.81 23.75
C SER A 122 2.39 -24.82 23.29
N THR A 123 1.29 -24.89 24.04
CA THR A 123 0.17 -25.75 23.69
C THR A 123 -0.85 -25.02 22.80
N LYS A 124 -1.00 -23.72 23.05
CA LYS A 124 -1.88 -22.87 22.25
C LYS A 124 -1.15 -22.42 20.98
N CYS A 125 -1.47 -23.07 19.86
CA CYS A 125 -0.78 -22.80 18.60
C CYS A 125 -1.71 -22.35 17.47
N ASP A 126 -2.64 -21.47 17.79
CA ASP A 126 -3.61 -20.96 16.81
C ASP A 126 -3.59 -19.42 16.71
N LEU A 127 -2.43 -18.83 16.98
CA LEU A 127 -2.25 -17.39 16.86
C LEU A 127 -1.94 -17.04 15.41
N ALA A 128 -2.83 -16.27 14.79
CA ALA A 128 -2.61 -15.78 13.42
C ALA A 128 -2.01 -14.38 13.47
N LEU A 129 -1.40 -13.95 12.36
CA LEU A 129 -0.89 -12.59 12.24
C LEU A 129 -1.97 -11.57 12.58
N ASP A 130 -3.12 -11.69 11.92
CA ASP A 130 -4.26 -10.82 12.14
C ASP A 130 -5.34 -11.60 12.87
N PRO A 131 -5.63 -11.24 14.15
CA PRO A 131 -5.08 -10.11 14.91
C PRO A 131 -4.03 -10.44 15.97
N GLU A 132 -3.84 -11.72 16.29
CA GLU A 132 -3.05 -12.12 17.48
C GLU A 132 -1.59 -11.65 17.49
N ILE A 133 -0.84 -11.95 16.43
CA ILE A 133 0.59 -11.63 16.40
C ILE A 133 0.81 -10.12 16.26
N GLU A 134 0.03 -9.47 15.41
CA GLU A 134 0.13 -8.03 15.21
C GLU A 134 -0.17 -7.25 16.48
N GLU A 135 -1.09 -7.78 17.29
CA GLU A 135 -1.40 -7.19 18.59
C GLU A 135 -0.15 -7.16 19.48
N VAL A 136 0.57 -8.28 19.55
CA VAL A 136 1.79 -8.37 20.36
C VAL A 136 2.88 -7.44 19.84
N ILE A 137 3.15 -7.50 18.53
CA ILE A 137 4.17 -6.67 17.91
C ILE A 137 3.94 -5.17 18.18
N SER A 138 2.66 -4.77 18.16
CA SER A 138 2.31 -3.36 18.38
C SER A 138 2.29 -2.94 19.85
N LYS A 139 2.09 -3.89 20.76
CA LYS A 139 1.85 -3.56 22.16
C LYS A 139 2.95 -3.97 23.14
N SER A 140 3.56 -5.13 22.90
CA SER A 140 4.59 -5.64 23.82
C SER A 140 5.85 -4.78 23.79
N ARG A 141 6.42 -4.54 24.97
CA ARG A 141 7.72 -3.88 25.07
C ARG A 141 8.74 -4.84 25.69
N ASP A 142 8.48 -6.13 25.59
CA ASP A 142 9.39 -7.19 26.01
C ASP A 142 10.16 -7.64 24.76
N HIS A 143 11.43 -7.23 24.68
CA HIS A 143 12.21 -7.47 23.47
C HIS A 143 12.41 -8.95 23.13
N GLU A 144 12.48 -9.82 24.13
CA GLU A 144 12.61 -11.25 23.84
C GLU A 144 11.31 -11.86 23.31
N GLU A 145 10.18 -11.36 23.81
CA GLU A 145 8.87 -11.78 23.32
C GLU A 145 8.71 -11.37 21.85
N LEU A 146 9.02 -10.10 21.57
CA LEU A 146 8.97 -9.56 20.21
C LEU A 146 9.82 -10.37 19.23
N ALA A 147 11.04 -10.71 19.66
CA ALA A 147 11.98 -11.48 18.83
C ALA A 147 11.48 -12.89 18.56
N TYR A 148 10.80 -13.49 19.54
CA TYR A 148 10.20 -14.81 19.37
C TYR A 148 9.17 -14.78 18.25
N TYR A 149 8.24 -13.83 18.31
CA TYR A 149 7.16 -13.75 17.33
C TYR A 149 7.67 -13.37 15.94
N TRP A 150 8.71 -12.54 15.89
CA TRP A 150 9.35 -12.19 14.62
C TRP A 150 9.88 -13.44 13.93
N ARG A 151 10.69 -14.22 14.65
CA ARG A 151 11.31 -15.42 14.11
C ARG A 151 10.26 -16.44 13.67
N GLU A 152 9.26 -16.69 14.53
CA GLU A 152 8.21 -17.66 14.22
C GLU A 152 7.44 -17.26 12.96
N PHE A 153 7.08 -15.99 12.85
CA PHE A 153 6.33 -15.53 11.67
C PHE A 153 7.14 -15.56 10.37
N TYR A 154 8.37 -15.05 10.39
CA TYR A 154 9.22 -15.04 9.19
C TYR A 154 9.57 -16.42 8.70
N ASP A 155 9.86 -17.34 9.63
CA ASP A 155 10.15 -18.74 9.30
C ASP A 155 8.99 -19.41 8.56
N LYS A 156 7.77 -19.10 8.99
CA LYS A 156 6.57 -19.75 8.45
C LYS A 156 5.99 -19.05 7.21
N ALA A 157 6.02 -17.72 7.21
CA ALA A 157 5.48 -16.93 6.11
C ALA A 157 6.50 -16.69 5.00
N GLY A 158 7.77 -16.61 5.37
CA GLY A 158 8.82 -16.38 4.40
C GLY A 158 9.49 -17.65 3.88
N THR A 159 10.29 -18.27 4.75
CA THR A 159 11.16 -19.39 4.38
C THR A 159 10.42 -20.58 3.76
N ALA A 160 9.20 -20.86 4.25
CA ALA A 160 8.44 -22.03 3.81
C ALA A 160 8.08 -22.02 2.34
N VAL A 161 8.27 -20.85 1.71
CA VAL A 161 7.74 -20.58 0.38
C VAL A 161 8.83 -20.27 -0.67
N ARG A 162 10.09 -20.50 -0.30
CA ARG A 162 11.23 -20.20 -1.17
C ARG A 162 11.17 -20.87 -2.54
N SER A 163 10.92 -22.18 -2.58
CA SER A 163 10.90 -22.90 -3.87
C SER A 163 9.77 -22.43 -4.79
N GLN A 164 8.61 -22.11 -4.21
CA GLN A 164 7.50 -21.52 -4.97
C GLN A 164 7.87 -20.13 -5.49
N PHE A 165 8.50 -19.33 -4.63
CA PHE A 165 8.89 -17.98 -5.02
C PHE A 165 9.89 -17.99 -6.18
N GLU A 166 10.80 -18.96 -6.17
CA GLU A 166 11.78 -19.13 -7.23
C GLU A 166 11.15 -19.42 -8.60
N ARG A 167 10.16 -20.31 -8.61
CA ARG A 167 9.44 -20.66 -9.84
C ARG A 167 8.60 -19.47 -10.32
N TYR A 168 8.05 -18.73 -9.37
CA TYR A 168 7.29 -17.52 -9.66
C TYR A 168 8.16 -16.48 -10.39
N VAL A 169 9.37 -16.24 -9.87
CA VAL A 169 10.33 -15.34 -10.53
C VAL A 169 10.62 -15.81 -11.97
N GLU A 170 10.87 -17.10 -12.14
CA GLU A 170 11.11 -17.70 -13.46
C GLU A 170 9.95 -17.47 -14.45
N LEU A 171 8.73 -17.73 -14.00
CA LEU A 171 7.57 -17.58 -14.88
C LEU A 171 7.16 -16.13 -15.11
N ASN A 172 7.36 -15.28 -14.10
CA ASN A 172 7.14 -13.84 -14.25
C ASN A 172 8.07 -13.28 -15.33
N THR A 173 9.33 -13.74 -15.31
CA THR A 173 10.33 -13.32 -16.29
C THR A 173 9.99 -13.80 -17.70
N LYS A 174 9.58 -15.07 -17.80
CA LYS A 174 9.14 -15.64 -19.07
C LYS A 174 7.97 -14.84 -19.66
N ALA A 175 7.00 -14.52 -18.81
CA ALA A 175 5.83 -13.72 -19.22
C ALA A 175 6.23 -12.35 -19.74
N ALA A 176 7.08 -11.66 -18.99
CA ALA A 176 7.51 -10.30 -19.37
C ALA A 176 8.20 -10.32 -20.73
N LYS A 177 9.06 -11.32 -20.95
CA LYS A 177 9.80 -11.44 -22.19
C LYS A 177 8.91 -11.77 -23.39
N LEU A 178 7.84 -12.51 -23.15
CA LEU A 178 6.83 -12.79 -24.19
C LEU A 178 6.04 -11.55 -24.56
N ASN A 179 6.03 -10.56 -23.67
CA ASN A 179 5.47 -9.24 -23.95
C ASN A 179 6.55 -8.28 -24.45
N ASN A 180 7.76 -8.81 -24.64
CA ASN A 180 8.94 -8.06 -25.10
C ASN A 180 9.44 -6.96 -24.16
N PHE A 181 9.12 -7.10 -22.87
CA PHE A 181 9.80 -6.34 -21.82
C PHE A 181 11.04 -7.14 -21.43
N THR A 182 12.05 -6.47 -20.89
CA THR A 182 13.29 -7.11 -20.47
C THR A 182 13.05 -8.06 -19.28
N SER A 183 12.19 -7.61 -18.36
CA SER A 183 11.85 -8.40 -17.18
C SER A 183 10.55 -7.88 -16.59
N GLY A 184 10.11 -8.50 -15.50
CA GLY A 184 8.90 -8.08 -14.80
C GLY A 184 8.98 -6.67 -14.23
N ALA A 185 10.21 -6.19 -14.02
CA ALA A 185 10.43 -4.82 -13.55
C ALA A 185 9.92 -3.82 -14.58
N GLU A 186 10.30 -4.03 -15.84
CA GLU A 186 9.88 -3.19 -16.94
C GLU A 186 8.38 -3.32 -17.19
N ALA A 187 7.84 -4.53 -17.03
CA ALA A 187 6.40 -4.76 -17.16
C ALA A 187 5.62 -3.90 -16.15
N TRP A 188 6.06 -3.92 -14.90
CA TRP A 188 5.44 -3.10 -13.85
C TRP A 188 5.58 -1.60 -14.14
N LEU A 189 6.79 -1.18 -14.51
CA LEU A 189 7.08 0.23 -14.74
C LEU A 189 6.29 0.84 -15.90
N ASP A 190 5.88 -0.03 -16.83
CA ASP A 190 5.08 0.39 -17.99
C ASP A 190 3.76 1.05 -17.57
N GLU A 191 3.21 0.65 -16.43
CA GLU A 191 1.98 1.24 -15.88
C GLU A 191 2.09 2.75 -15.61
N TYR A 192 3.32 3.25 -15.48
CA TYR A 192 3.53 4.67 -15.18
C TYR A 192 3.78 5.54 -16.43
N GLU A 193 3.85 4.90 -17.59
CA GLU A 193 3.94 5.57 -18.90
C GLU A 193 4.96 6.72 -18.93
N ASP A 194 6.17 6.43 -18.48
CA ASP A 194 7.21 7.45 -18.39
C ASP A 194 8.57 6.77 -18.26
N ASP A 195 9.39 6.89 -19.30
CA ASP A 195 10.68 6.19 -19.36
C ASP A 195 11.74 6.74 -18.39
N THR A 196 11.46 7.85 -17.73
CA THR A 196 12.36 8.39 -16.70
C THR A 196 11.81 8.23 -15.28
N PHE A 197 10.79 7.38 -15.11
CA PHE A 197 10.07 7.27 -13.84
C PHE A 197 10.98 6.85 -12.68
N GLU A 198 11.87 5.88 -12.92
CA GLU A 198 12.80 5.41 -11.89
C GLU A 198 13.70 6.54 -11.41
N GLN A 199 14.28 7.29 -12.36
CA GLN A 199 15.17 8.39 -12.02
C GLN A 199 14.44 9.48 -11.24
N GLN A 200 13.20 9.73 -11.62
CA GLN A 200 12.36 10.71 -10.92
C GLN A 200 12.19 10.37 -9.45
N LEU A 201 11.93 9.09 -9.18
CA LEU A 201 11.76 8.62 -7.80
C LEU A 201 13.07 8.63 -7.02
N GLU A 202 14.16 8.26 -7.67
CA GLU A 202 15.49 8.37 -7.06
C GLU A 202 15.77 9.82 -6.63
N ASP A 203 15.42 10.76 -7.51
CA ASP A 203 15.63 12.19 -7.24
C ASP A 203 14.79 12.67 -6.05
N ILE A 204 13.51 12.31 -6.02
CA ILE A 204 12.62 12.70 -4.93
C ILE A 204 13.07 12.04 -3.61
N PHE A 205 13.37 10.75 -3.66
CA PHE A 205 13.82 10.05 -2.47
C PHE A 205 15.08 10.69 -1.88
N ALA A 206 16.04 11.03 -2.73
CA ALA A 206 17.28 11.70 -2.30
C ALA A 206 17.02 13.03 -1.57
N ASP A 207 15.98 13.76 -1.98
CA ASP A 207 15.61 15.02 -1.34
C ASP A 207 15.03 14.82 0.06
N ILE A 208 14.31 13.69 0.26
CA ILE A 208 13.63 13.43 1.53
C ILE A 208 14.47 12.58 2.48
N ARG A 209 15.44 11.85 1.92
CA ARG A 209 16.31 10.96 2.68
C ARG A 209 16.96 11.60 3.92
N PRO A 210 17.49 12.85 3.80
CA PRO A 210 18.09 13.48 4.98
C PRO A 210 17.13 13.62 6.16
N LEU A 211 15.86 13.94 5.90
CA LEU A 211 14.85 14.00 6.95
C LEU A 211 14.63 12.62 7.58
N TYR A 212 14.61 11.58 6.74
CA TYR A 212 14.47 10.22 7.25
C TYR A 212 15.62 9.86 8.20
N GLN A 213 16.84 10.25 7.82
CA GLN A 213 18.03 9.99 8.64
C GLN A 213 17.91 10.60 10.03
N GLN A 214 17.33 11.81 10.09
CA GLN A 214 17.13 12.53 11.35
C GLN A 214 16.11 11.83 12.23
N ILE A 215 15.02 11.35 11.62
CA ILE A 215 13.96 10.64 12.34
C ILE A 215 14.51 9.32 12.88
N HIS A 216 15.20 8.57 12.01
CA HIS A 216 15.86 7.32 12.38
C HIS A 216 16.78 7.51 13.59
N GLY A 217 17.66 8.51 13.52
CA GLY A 217 18.60 8.80 14.60
C GLY A 217 17.94 9.12 15.93
N TYR A 218 16.92 9.97 15.88
CA TYR A 218 16.18 10.32 17.08
C TYR A 218 15.43 9.13 17.68
N VAL A 219 14.81 8.32 16.84
CA VAL A 219 14.08 7.13 17.30
C VAL A 219 15.04 6.15 18.00
N ARG A 220 16.20 5.91 17.37
CA ARG A 220 17.23 5.03 17.92
C ARG A 220 17.71 5.53 19.29
N PHE A 221 17.97 6.82 19.38
CA PHE A 221 18.31 7.49 20.63
C PHE A 221 17.27 7.22 21.72
N ARG A 222 15.99 7.40 21.38
CA ARG A 222 14.90 7.20 22.34
C ARG A 222 14.72 5.73 22.73
N LEU A 223 14.92 4.83 21.77
CA LEU A 223 14.83 3.39 22.04
C LEU A 223 15.95 2.90 22.97
N ARG A 224 17.12 3.52 22.87
CA ARG A 224 18.25 3.21 23.76
C ARG A 224 17.93 3.53 25.21
N LYS A 225 17.21 4.63 25.43
CA LYS A 225 16.78 5.04 26.76
C LYS A 225 15.76 4.07 27.34
N HIS A 226 14.93 3.49 26.48
CA HIS A 226 13.90 2.53 26.88
C HIS A 226 14.45 1.11 27.12
N TYR A 227 15.16 0.58 26.13
CA TYR A 227 15.62 -0.81 26.17
C TYR A 227 17.04 -1.00 26.73
N GLY A 228 17.84 0.07 26.74
CA GLY A 228 19.24 -0.03 27.16
C GLY A 228 20.17 -0.37 26.01
N ASP A 229 21.46 -0.11 26.20
CA ASP A 229 22.45 -0.28 25.14
C ASP A 229 22.81 -1.75 24.83
N ALA A 230 22.38 -2.68 25.67
CA ALA A 230 22.55 -4.10 25.40
C ALA A 230 21.63 -4.57 24.25
N VAL A 231 20.54 -3.83 24.03
CA VAL A 231 19.53 -4.17 23.04
C VAL A 231 19.62 -3.29 21.79
N VAL A 232 19.93 -2.00 21.99
CA VAL A 232 20.02 -1.02 20.90
C VAL A 232 21.37 -0.30 20.94
N SER A 233 22.17 -0.45 19.88
CA SER A 233 23.45 0.27 19.80
C SER A 233 23.24 1.69 19.28
N GLU A 234 24.16 2.59 19.63
CA GLU A 234 24.11 3.98 19.17
C GLU A 234 24.39 4.07 17.66
N THR A 235 25.27 3.21 17.18
CA THR A 235 25.83 3.37 15.84
C THR A 235 25.37 2.32 14.83
N GLY A 236 24.67 1.28 15.30
CA GLY A 236 24.23 0.20 14.42
C GLY A 236 22.82 0.38 13.91
N PRO A 237 22.40 -0.44 12.92
CA PRO A 237 21.01 -0.42 12.46
C PRO A 237 20.06 -0.78 13.60
N ILE A 238 18.87 -0.20 13.59
CA ILE A 238 17.87 -0.46 14.62
C ILE A 238 17.33 -1.89 14.49
N PRO A 239 17.32 -2.65 15.60
CA PRO A 239 16.67 -3.97 15.62
C PRO A 239 15.18 -3.80 15.34
N MET A 240 14.72 -4.36 14.23
CA MET A 240 13.42 -4.02 13.66
C MET A 240 12.20 -4.46 14.48
N HIS A 241 12.37 -5.49 15.31
CA HIS A 241 11.29 -6.01 16.14
C HIS A 241 10.85 -5.03 17.23
N LEU A 242 11.62 -3.96 17.40
CA LEU A 242 11.32 -2.93 18.40
C LEU A 242 10.52 -1.77 17.85
N LEU A 243 10.14 -1.84 16.57
CA LEU A 243 9.54 -0.69 15.89
C LEU A 243 8.01 -0.73 15.76
N GLY A 244 7.39 -1.73 16.37
CA GLY A 244 5.92 -1.79 16.50
C GLY A 244 5.16 -2.35 15.30
N ASN A 245 5.91 -2.86 14.32
CA ASN A 245 5.34 -3.35 13.08
C ASN A 245 6.18 -4.52 12.59
N MET A 246 5.53 -5.58 12.13
CA MET A 246 6.22 -6.81 11.75
C MET A 246 7.30 -6.62 10.67
N TRP A 247 7.14 -5.58 9.86
CA TRP A 247 8.03 -5.32 8.73
C TRP A 247 8.78 -3.99 8.91
N ALA A 248 8.55 -3.35 10.07
CA ALA A 248 9.07 -2.03 10.40
C ALA A 248 8.77 -0.98 9.32
N GLN A 249 7.62 -1.13 8.66
CA GLN A 249 7.28 -0.25 7.55
C GLN A 249 6.75 1.10 8.01
N GLN A 250 6.19 1.11 9.22
CA GLN A 250 5.66 2.31 9.85
C GLN A 250 5.85 2.15 11.37
N TRP A 251 6.24 3.23 12.05
CA TRP A 251 6.64 3.12 13.46
C TRP A 251 5.68 3.76 14.46
N SER A 252 4.49 4.14 13.99
CA SER A 252 3.57 4.90 14.82
C SER A 252 3.17 4.20 16.13
N GLU A 253 3.22 2.87 16.13
CA GLU A 253 2.81 2.09 17.30
C GLU A 253 3.74 2.25 18.52
N ILE A 254 4.95 2.75 18.31
CA ILE A 254 5.88 3.02 19.42
C ILE A 254 5.99 4.52 19.74
N ALA A 255 5.06 5.32 19.21
CA ALA A 255 5.06 6.77 19.46
C ALA A 255 5.05 7.16 20.94
N ASP A 256 4.40 6.36 21.77
CA ASP A 256 4.32 6.65 23.21
C ASP A 256 5.68 6.63 23.92
N ILE A 257 6.66 5.97 23.32
CA ILE A 257 8.00 5.89 23.92
C ILE A 257 9.07 6.69 23.17
N VAL A 258 8.72 7.26 22.02
CA VAL A 258 9.68 8.06 21.24
C VAL A 258 9.19 9.49 20.95
N SER A 259 8.05 9.86 21.52
CA SER A 259 7.44 11.16 21.25
C SER A 259 8.30 12.31 21.80
N PRO A 260 8.50 13.36 20.98
CA PRO A 260 9.31 14.53 21.34
C PRO A 260 8.99 15.14 22.70
N PHE A 261 7.70 15.29 23.01
CA PHE A 261 7.26 15.92 24.26
C PHE A 261 6.27 15.01 24.98
N PRO A 262 6.79 14.07 25.81
CA PRO A 262 5.98 13.03 26.46
C PRO A 262 4.99 13.54 27.51
N GLU A 263 5.18 14.77 27.99
CA GLU A 263 4.25 15.36 28.95
C GLU A 263 3.11 16.11 28.25
N LYS A 264 3.19 16.19 26.92
CA LYS A 264 2.19 16.87 26.11
C LYS A 264 1.38 15.83 25.31
N PRO A 265 0.17 16.22 24.84
CA PRO A 265 -0.73 15.23 24.22
C PRO A 265 -0.18 14.54 22.98
N LEU A 266 -0.46 13.24 22.90
CA LEU A 266 -0.17 12.43 21.73
C LEU A 266 -1.47 11.74 21.34
N VAL A 267 -1.88 11.95 20.08
CA VAL A 267 -3.19 11.48 19.63
C VAL A 267 -3.22 9.96 19.47
N ASP A 268 -4.11 9.34 20.23
CA ASP A 268 -4.38 7.90 20.16
C ASP A 268 -5.83 7.70 20.56
N VAL A 269 -6.71 7.63 19.56
CA VAL A 269 -8.17 7.65 19.79
C VAL A 269 -8.80 6.27 19.95
N SER A 270 -7.98 5.22 19.94
CA SER A 270 -8.46 3.83 20.07
C SER A 270 -9.34 3.62 21.29
N ALA A 271 -8.88 4.12 22.44
CA ALA A 271 -9.60 3.98 23.71
C ALA A 271 -10.95 4.71 23.69
N GLU A 272 -10.99 5.92 23.14
CA GLU A 272 -12.25 6.67 23.01
C GLU A 272 -13.24 6.03 22.04
N MET A 273 -12.70 5.43 20.97
CA MET A 273 -13.52 4.66 20.03
C MET A 273 -14.25 3.52 20.75
N GLU A 274 -13.51 2.73 21.53
CA GLU A 274 -14.09 1.65 22.33
C GLU A 274 -15.12 2.16 23.34
N LYS A 275 -14.77 3.23 24.06
CA LYS A 275 -15.64 3.82 25.08
C LYS A 275 -16.97 4.31 24.49
N GLN A 276 -16.94 4.83 23.27
CA GLN A 276 -18.16 5.30 22.61
C GLN A 276 -18.94 4.19 21.89
N GLY A 277 -18.47 2.95 22.02
CA GLY A 277 -19.14 1.79 21.44
C GLY A 277 -19.08 1.70 19.92
N TYR A 278 -17.98 2.17 19.34
CA TYR A 278 -17.73 2.05 17.90
C TYR A 278 -17.74 0.59 17.47
N THR A 279 -18.20 0.37 16.23
CA THR A 279 -18.21 -0.94 15.60
C THR A 279 -17.58 -0.82 14.21
N PRO A 280 -17.15 -1.96 13.62
CA PRO A 280 -16.74 -1.93 12.23
C PRO A 280 -17.77 -1.26 11.32
N LEU A 281 -19.04 -1.62 11.48
CA LEU A 281 -20.12 -0.99 10.71
C LEU A 281 -20.11 0.54 10.83
N LYS A 282 -20.02 1.05 12.05
CA LYS A 282 -19.98 2.49 12.30
C LYS A 282 -18.77 3.17 11.65
N MET A 283 -17.63 2.49 11.68
CA MET A 283 -16.41 3.01 11.07
C MET A 283 -16.57 3.20 9.56
N PHE A 284 -17.15 2.20 8.89
CA PHE A 284 -17.42 2.28 7.45
C PHE A 284 -18.48 3.33 7.12
N GLN A 285 -19.50 3.43 7.98
CA GLN A 285 -20.55 4.45 7.82
C GLN A 285 -19.96 5.86 7.92
N MET A 286 -18.99 6.03 8.83
CA MET A 286 -18.30 7.31 9.01
C MET A 286 -17.43 7.68 7.82
N GLY A 287 -16.78 6.67 7.23
CA GLY A 287 -16.00 6.86 6.01
C GLY A 287 -16.91 7.27 4.87
N ASP A 288 -18.03 6.56 4.73
CA ASP A 288 -19.06 6.88 3.75
C ASP A 288 -19.50 8.34 3.91
N ASP A 289 -19.79 8.72 5.15
CA ASP A 289 -20.16 10.10 5.50
C ASP A 289 -19.12 11.14 5.05
N PHE A 290 -17.84 10.82 5.18
CA PHE A 290 -16.78 11.75 4.77
C PHE A 290 -16.82 12.01 3.27
N PHE A 291 -16.92 10.95 2.48
CA PHE A 291 -16.99 11.08 1.02
C PHE A 291 -18.23 11.85 0.58
N THR A 292 -19.40 11.47 1.11
CA THR A 292 -20.65 12.12 0.74
C THR A 292 -20.64 13.60 1.17
N SER A 293 -19.97 13.90 2.26
CA SER A 293 -19.84 15.27 2.77
C SER A 293 -19.08 16.17 1.81
N MET A 294 -18.23 15.56 0.99
CA MET A 294 -17.45 16.29 -0.01
C MET A 294 -18.17 16.33 -1.36
N ASN A 295 -19.44 15.92 -1.36
CA ASN A 295 -20.26 15.82 -2.57
C ASN A 295 -19.76 14.73 -3.52
N LEU A 296 -19.20 13.67 -2.94
CA LEU A 296 -18.78 12.49 -3.68
C LEU A 296 -19.81 11.38 -3.51
N THR A 297 -19.57 10.25 -4.16
CA THR A 297 -20.59 9.22 -4.32
C THR A 297 -20.78 8.34 -3.08
N LYS A 298 -22.05 8.19 -2.70
CA LYS A 298 -22.48 7.36 -1.59
C LYS A 298 -22.26 5.88 -1.90
N LEU A 299 -21.94 5.09 -0.88
CA LEU A 299 -21.80 3.65 -1.04
C LEU A 299 -23.14 3.01 -1.44
N PRO A 300 -23.13 2.20 -2.50
CA PRO A 300 -24.36 1.56 -2.97
C PRO A 300 -24.75 0.38 -2.09
N GLN A 301 -26.00 -0.07 -2.22
CA GLN A 301 -26.54 -1.15 -1.37
C GLN A 301 -25.76 -2.46 -1.47
N ASP A 302 -25.28 -2.80 -2.67
CA ASP A 302 -24.45 -4.00 -2.87
C ASP A 302 -23.23 -4.02 -1.96
N PHE A 303 -22.64 -2.85 -1.74
CA PHE A 303 -21.49 -2.74 -0.84
C PHE A 303 -21.85 -3.23 0.56
N TRP A 304 -22.95 -2.72 1.10
CA TRP A 304 -23.39 -3.08 2.46
C TRP A 304 -23.84 -4.53 2.55
N ASP A 305 -24.49 -5.02 1.49
CA ASP A 305 -24.99 -6.40 1.45
C ASP A 305 -23.89 -7.44 1.32
N LYS A 306 -22.86 -7.12 0.53
CA LYS A 306 -21.89 -8.13 0.08
C LYS A 306 -20.49 -8.03 0.72
N SER A 307 -20.16 -6.89 1.29
CA SER A 307 -18.85 -6.69 1.93
C SER A 307 -18.67 -7.58 3.15
N ILE A 308 -17.41 -7.88 3.47
CA ILE A 308 -17.07 -8.55 4.71
C ILE A 308 -16.25 -7.55 5.51
N ILE A 309 -16.81 -7.10 6.64
CA ILE A 309 -16.18 -6.07 7.45
C ILE A 309 -15.75 -6.53 8.84
N GLU A 310 -15.94 -7.81 9.13
CA GLU A 310 -15.42 -8.43 10.34
C GLU A 310 -14.88 -9.80 10.02
N LYS A 311 -13.85 -10.22 10.77
CA LYS A 311 -13.31 -11.56 10.63
C LYS A 311 -14.39 -12.57 10.99
N PRO A 312 -14.70 -13.50 10.06
CA PRO A 312 -15.68 -14.57 10.28
C PRO A 312 -15.33 -15.40 11.52
N THR A 313 -16.35 -15.80 12.27
CA THR A 313 -16.16 -16.50 13.54
C THR A 313 -16.19 -18.02 13.44
N ASP A 314 -16.39 -18.54 12.22
CA ASP A 314 -16.28 -19.99 11.98
C ASP A 314 -14.79 -20.39 11.89
N GLY A 315 -14.51 -21.66 11.68
CA GLY A 315 -13.14 -22.15 11.69
C GLY A 315 -12.34 -21.90 10.41
N ARG A 316 -12.96 -21.21 9.45
CA ARG A 316 -12.44 -21.13 8.09
C ARG A 316 -11.16 -20.31 7.93
N ASP A 317 -10.38 -20.67 6.91
CA ASP A 317 -9.22 -19.90 6.51
C ASP A 317 -9.62 -18.86 5.46
N LEU A 318 -9.03 -17.68 5.55
CA LEU A 318 -9.29 -16.60 4.61
C LEU A 318 -8.10 -15.64 4.55
N VAL A 319 -8.11 -14.75 3.55
CA VAL A 319 -7.13 -13.68 3.49
C VAL A 319 -7.70 -12.49 4.23
N CYS A 320 -7.13 -12.19 5.40
CA CYS A 320 -7.58 -11.04 6.19
C CYS A 320 -7.00 -9.71 5.74
N HIS A 321 -5.86 -9.74 5.04
CA HIS A 321 -5.25 -8.50 4.54
C HIS A 321 -6.28 -7.67 3.77
N ALA A 322 -6.57 -6.48 4.30
CA ALA A 322 -7.65 -5.62 3.81
C ALA A 322 -7.54 -5.31 2.32
N SER A 323 -8.68 -5.37 1.62
CA SER A 323 -8.71 -5.17 0.17
C SER A 323 -10.05 -4.64 -0.30
N ALA A 324 -10.02 -3.98 -1.47
CA ALA A 324 -11.22 -3.40 -2.08
C ALA A 324 -11.38 -3.97 -3.48
N TRP A 325 -12.63 -4.22 -3.88
CA TRP A 325 -12.92 -5.03 -5.05
C TRP A 325 -13.93 -4.38 -5.98
N ASP A 326 -13.61 -4.35 -7.27
CA ASP A 326 -14.50 -3.87 -8.32
C ASP A 326 -14.95 -5.08 -9.10
N PHE A 327 -16.26 -5.24 -9.29
CA PHE A 327 -16.79 -6.40 -10.01
C PHE A 327 -17.21 -6.09 -11.45
N TYR A 328 -16.98 -4.84 -11.85
CA TYR A 328 -17.04 -4.40 -13.26
C TYR A 328 -18.45 -4.41 -13.88
N LEU A 329 -19.46 -4.41 -13.04
CA LEU A 329 -20.83 -4.22 -13.49
C LEU A 329 -21.22 -2.77 -13.17
N THR A 330 -22.38 -2.58 -12.55
CA THR A 330 -22.75 -1.27 -12.02
C THR A 330 -22.99 -1.41 -10.51
N ASP A 331 -22.26 -0.63 -9.72
CA ASP A 331 -22.45 -0.55 -8.26
C ASP A 331 -22.16 -1.81 -7.47
N ASP A 332 -21.57 -2.82 -8.11
CA ASP A 332 -21.12 -3.99 -7.36
C ASP A 332 -19.66 -3.80 -6.98
N VAL A 333 -19.47 -3.17 -5.81
CA VAL A 333 -18.15 -2.92 -5.23
C VAL A 333 -18.17 -3.39 -3.78
N ARG A 334 -17.05 -3.94 -3.30
CA ARG A 334 -16.99 -4.56 -1.97
C ARG A 334 -15.66 -4.37 -1.29
N ILE A 335 -15.67 -4.47 0.04
CA ILE A 335 -14.45 -4.51 0.84
C ILE A 335 -14.45 -5.79 1.67
N LYS A 336 -13.26 -6.40 1.79
CA LYS A 336 -13.03 -7.47 2.73
C LYS A 336 -11.95 -7.03 3.72
N GLN A 337 -12.37 -6.75 4.95
CA GLN A 337 -11.47 -6.27 5.99
C GLN A 337 -11.81 -6.91 7.33
N CYS A 338 -10.80 -7.46 7.99
CA CYS A 338 -10.96 -8.03 9.33
C CYS A 338 -10.84 -6.89 10.35
N THR A 339 -11.84 -6.02 10.35
CA THR A 339 -11.80 -4.73 11.01
C THR A 339 -11.73 -4.85 12.54
N ARG A 340 -10.81 -4.08 13.13
CA ARG A 340 -10.74 -3.92 14.58
C ARG A 340 -11.04 -2.47 14.91
N VAL A 341 -11.47 -2.22 16.14
CA VAL A 341 -11.81 -0.86 16.57
C VAL A 341 -10.56 -0.16 17.13
N THR A 342 -9.74 0.35 16.20
CA THR A 342 -8.53 1.10 16.55
C THR A 342 -8.35 2.28 15.60
N GLN A 343 -7.50 3.23 16.01
CA GLN A 343 -7.18 4.40 15.20
C GLN A 343 -6.59 4.01 13.84
N ASP A 344 -5.59 3.13 13.87
CA ASP A 344 -4.94 2.62 12.66
C ASP A 344 -5.95 2.01 11.69
N GLN A 345 -6.87 1.19 12.23
CA GLN A 345 -7.89 0.54 11.43
C GLN A 345 -8.90 1.53 10.83
N LEU A 346 -9.12 2.64 11.52
CA LEU A 346 -9.97 3.72 11.00
C LEU A 346 -9.34 4.34 9.75
N PHE A 347 -8.02 4.47 9.74
CA PHE A 347 -7.30 4.94 8.55
C PHE A 347 -7.37 3.91 7.43
N THR A 348 -7.19 2.64 7.77
CA THR A 348 -7.34 1.55 6.80
C THR A 348 -8.73 1.55 6.15
N VAL A 349 -9.78 1.79 6.94
CA VAL A 349 -11.14 1.89 6.40
C VAL A 349 -11.22 2.99 5.33
N HIS A 350 -10.65 4.15 5.62
CA HIS A 350 -10.63 5.27 4.66
C HIS A 350 -9.77 4.99 3.43
N HIS A 351 -8.62 4.34 3.62
CA HIS A 351 -7.79 3.90 2.49
C HIS A 351 -8.57 3.02 1.53
N GLU A 352 -9.23 2.00 2.08
CA GLU A 352 -10.00 1.07 1.27
C GLU A 352 -11.21 1.71 0.59
N LEU A 353 -11.86 2.65 1.29
CA LEU A 353 -13.01 3.36 0.72
C LEU A 353 -12.59 4.33 -0.38
N GLY A 354 -11.32 4.74 -0.36
CA GLY A 354 -10.73 5.52 -1.43
C GLY A 354 -10.70 4.75 -2.75
N HIS A 355 -10.34 3.46 -2.67
CA HIS A 355 -10.40 2.56 -3.82
C HIS A 355 -11.83 2.44 -4.33
N ILE A 356 -12.77 2.20 -3.41
CA ILE A 356 -14.19 2.06 -3.75
C ILE A 356 -14.72 3.29 -4.48
N GLN A 357 -14.38 4.48 -3.98
CA GLN A 357 -14.80 5.73 -4.62
C GLN A 357 -14.28 5.84 -6.05
N TYR A 358 -13.01 5.49 -6.25
CA TYR A 358 -12.40 5.48 -7.59
C TYR A 358 -13.19 4.55 -8.52
N PHE A 359 -13.51 3.34 -8.04
CA PHE A 359 -14.32 2.37 -8.81
C PHE A 359 -15.64 3.00 -9.25
N LEU A 360 -16.31 3.68 -8.32
CA LEU A 360 -17.62 4.28 -8.59
C LEU A 360 -17.50 5.46 -9.56
N GLN A 361 -16.41 6.22 -9.43
CA GLN A 361 -16.19 7.41 -10.24
C GLN A 361 -15.93 7.11 -11.71
N TYR A 362 -15.30 5.97 -12.00
CA TYR A 362 -14.97 5.63 -13.38
C TYR A 362 -15.74 4.46 -13.98
N GLN A 363 -16.78 3.99 -13.29
CA GLN A 363 -17.53 2.81 -13.76
C GLN A 363 -18.26 3.00 -15.09
N HIS A 364 -18.42 4.27 -15.52
CA HIS A 364 -19.04 4.59 -16.81
C HIS A 364 -18.05 4.48 -17.98
N GLN A 365 -16.75 4.42 -17.66
CA GLN A 365 -15.71 4.33 -18.69
C GLN A 365 -15.70 2.95 -19.38
N PRO A 366 -15.19 2.87 -20.62
CA PRO A 366 -14.96 1.56 -21.22
C PRO A 366 -14.05 0.72 -20.32
N PHE A 367 -14.23 -0.60 -20.34
CA PHE A 367 -13.54 -1.50 -19.43
C PHE A 367 -12.04 -1.20 -19.26
N VAL A 368 -11.32 -1.03 -20.37
CA VAL A 368 -9.86 -0.83 -20.31
C VAL A 368 -9.46 0.42 -19.53
N TYR A 369 -10.38 1.37 -19.41
CA TYR A 369 -10.11 2.61 -18.69
C TYR A 369 -10.60 2.56 -17.23
N ARG A 370 -11.19 1.44 -16.83
CA ARG A 370 -11.71 1.28 -15.47
C ARG A 370 -10.62 0.82 -14.52
N THR A 371 -9.64 1.70 -14.33
CA THR A 371 -8.52 1.48 -13.43
C THR A 371 -7.92 2.85 -13.16
N GLY A 372 -6.93 2.93 -12.26
CA GLY A 372 -6.34 4.22 -11.89
C GLY A 372 -5.52 4.87 -12.99
N ALA A 373 -5.34 6.19 -12.89
CA ALA A 373 -4.54 6.94 -13.87
C ALA A 373 -3.13 6.34 -13.94
N ASN A 374 -2.57 6.04 -12.76
CA ASN A 374 -1.50 5.06 -12.61
C ASN A 374 -1.71 4.36 -11.26
N PRO A 375 -0.99 3.26 -10.98
CA PRO A 375 -1.28 2.51 -9.74
C PRO A 375 -1.15 3.33 -8.45
N GLY A 376 -0.27 4.33 -8.45
CA GLY A 376 -0.11 5.22 -7.30
C GLY A 376 -1.32 6.10 -7.02
N PHE A 377 -2.03 6.51 -8.08
CA PHE A 377 -3.27 7.29 -7.93
C PHE A 377 -4.32 6.52 -7.12
N HIS A 378 -4.49 5.24 -7.43
CA HIS A 378 -5.49 4.44 -6.73
C HIS A 378 -5.19 4.37 -5.23
N GLU A 379 -3.91 4.24 -4.90
CA GLU A 379 -3.48 4.14 -3.50
C GLU A 379 -3.59 5.46 -2.73
N ALA A 380 -3.53 6.58 -3.45
CA ALA A 380 -3.48 7.91 -2.81
C ALA A 380 -4.83 8.44 -2.33
N VAL A 381 -5.92 8.07 -3.02
CA VAL A 381 -7.23 8.67 -2.77
C VAL A 381 -7.64 8.60 -1.30
N GLY A 382 -7.70 7.39 -0.76
CA GLY A 382 -8.15 7.17 0.61
C GLY A 382 -7.24 7.77 1.66
N ASP A 383 -5.95 7.78 1.38
CA ASP A 383 -4.93 8.35 2.28
C ASP A 383 -5.06 9.87 2.40
N VAL A 384 -5.51 10.53 1.32
CA VAL A 384 -5.78 11.98 1.37
C VAL A 384 -6.84 12.30 2.43
N LEU A 385 -7.89 11.47 2.50
CA LEU A 385 -8.92 11.65 3.52
C LEU A 385 -8.39 11.28 4.90
N SER A 386 -7.63 10.19 4.98
CA SER A 386 -7.00 9.76 6.23
C SER A 386 -6.13 10.85 6.86
N LEU A 387 -5.43 11.62 6.02
CA LEU A 387 -4.62 12.74 6.49
C LEU A 387 -5.44 13.79 7.24
N SER A 388 -6.63 14.12 6.72
CA SER A 388 -7.49 15.09 7.41
C SER A 388 -8.23 14.45 8.58
N VAL A 389 -8.59 13.17 8.45
CA VAL A 389 -9.20 12.42 9.56
C VAL A 389 -8.26 12.40 10.78
N SER A 390 -6.96 12.25 10.52
CA SER A 390 -5.93 12.15 11.56
C SER A 390 -5.67 13.45 12.33
N THR A 391 -6.16 14.58 11.80
CA THR A 391 -5.88 15.88 12.40
C THR A 391 -6.61 16.03 13.73
N PRO A 392 -5.98 16.75 14.69
CA PRO A 392 -6.71 17.15 15.90
C PRO A 392 -8.00 17.90 15.56
N LYS A 393 -7.96 18.75 14.53
CA LYS A 393 -9.16 19.47 14.07
C LYS A 393 -10.34 18.53 13.83
N HIS A 394 -10.15 17.50 13.00
CA HIS A 394 -11.22 16.58 12.69
C HIS A 394 -11.60 15.69 13.88
N LEU A 395 -10.59 15.19 14.59
CA LEU A 395 -10.84 14.24 15.66
C LEU A 395 -11.61 14.87 16.82
N GLU A 396 -11.42 16.17 17.04
CA GLU A 396 -12.23 16.92 18.01
C GLU A 396 -13.68 17.07 17.55
N LYS A 397 -13.88 17.27 16.25
CA LYS A 397 -15.23 17.38 15.66
C LYS A 397 -16.08 16.14 15.91
N ILE A 398 -15.46 14.96 15.80
CA ILE A 398 -16.18 13.71 15.98
C ILE A 398 -16.12 13.18 17.42
N GLY A 399 -15.61 14.01 18.33
CA GLY A 399 -15.60 13.70 19.75
C GLY A 399 -14.69 12.56 20.18
N LEU A 400 -13.68 12.26 19.36
CA LEU A 400 -12.74 11.19 19.67
C LEU A 400 -11.49 11.72 20.39
N LEU A 401 -11.28 13.03 20.31
CA LEU A 401 -10.16 13.68 20.96
C LEU A 401 -10.68 14.78 21.89
N LYS A 402 -10.44 14.63 23.18
CA LYS A 402 -10.98 15.55 24.18
C LYS A 402 -9.90 16.24 25.00
N ASP A 403 -10.20 17.46 25.43
CA ASP A 403 -9.31 18.28 26.27
C ASP A 403 -7.93 18.49 25.62
N TYR A 404 -7.94 18.64 24.30
CA TYR A 404 -6.70 18.81 23.54
C TYR A 404 -6.35 20.30 23.42
N VAL A 405 -5.13 20.63 23.83
CA VAL A 405 -4.58 21.97 23.64
C VAL A 405 -3.48 21.88 22.59
N ARG A 406 -3.69 22.56 21.47
CA ARG A 406 -2.77 22.49 20.35
C ARG A 406 -1.70 23.59 20.42
N ASP A 407 -0.78 23.46 21.38
CA ASP A 407 0.36 24.37 21.46
C ASP A 407 1.51 23.89 20.56
N ASP A 408 2.64 24.59 20.60
CA ASP A 408 3.80 24.26 19.77
C ASP A 408 4.31 22.84 19.99
N GLU A 409 4.32 22.41 21.25
CA GLU A 409 4.82 21.09 21.62
C GLU A 409 3.88 19.96 21.19
N ALA A 410 2.57 20.18 21.34
CA ALA A 410 1.57 19.24 20.86
C ALA A 410 1.63 19.09 19.34
N ARG A 411 1.90 20.19 18.65
CA ARG A 411 2.01 20.20 17.20
C ARG A 411 3.19 19.33 16.72
N ILE A 412 4.33 19.47 17.39
CA ILE A 412 5.52 18.66 17.09
C ILE A 412 5.24 17.17 17.31
N ASN A 413 4.58 16.83 18.41
CA ASN A 413 4.17 15.45 18.67
C ASN A 413 3.34 14.88 17.53
N GLN A 414 2.36 15.65 17.07
CA GLN A 414 1.47 15.24 15.98
C GLN A 414 2.19 15.13 14.63
N LEU A 415 3.07 16.09 14.35
CA LEU A 415 3.91 16.03 13.15
C LEU A 415 4.84 14.83 13.18
N PHE A 416 5.41 14.54 14.34
CA PHE A 416 6.31 13.40 14.50
C PHE A 416 5.54 12.09 14.31
N LEU A 417 4.35 12.01 14.92
CA LEU A 417 3.49 10.85 14.77
C LEU A 417 3.15 10.58 13.30
N THR A 418 2.81 11.64 12.57
CA THR A 418 2.54 11.53 11.12
C THR A 418 3.78 11.08 10.33
N ALA A 419 4.95 11.63 10.69
CA ALA A 419 6.21 11.27 10.05
C ALA A 419 6.59 9.80 10.27
N LEU A 420 6.30 9.29 11.47
CA LEU A 420 6.55 7.89 11.80
C LEU A 420 5.80 6.94 10.89
N ASP A 421 4.71 7.43 10.29
CA ASP A 421 3.95 6.72 9.28
C ASP A 421 4.38 7.09 7.86
N LYS A 422 4.49 8.38 7.57
CA LYS A 422 4.64 8.85 6.19
C LYS A 422 6.07 8.95 5.66
N ILE A 423 7.01 9.37 6.50
CA ILE A 423 8.41 9.47 6.06
C ILE A 423 9.12 8.13 6.16
N VAL A 424 8.93 7.46 7.30
CA VAL A 424 9.55 6.15 7.57
C VAL A 424 9.21 5.13 6.46
N PHE A 425 8.00 5.22 5.94
CA PHE A 425 7.49 4.32 4.90
C PHE A 425 8.23 4.44 3.56
N LEU A 426 8.75 5.63 3.25
CA LEU A 426 9.34 5.85 1.92
C LEU A 426 10.49 4.91 1.57
N PRO A 427 11.53 4.82 2.43
CA PRO A 427 12.58 3.85 2.09
C PRO A 427 12.06 2.41 2.07
N PHE A 428 11.18 2.06 3.02
CA PHE A 428 10.57 0.73 3.02
C PHE A 428 9.96 0.38 1.67
N ALA A 429 9.07 1.26 1.19
CA ALA A 429 8.33 1.01 -0.04
C ALA A 429 9.26 0.87 -1.23
N PHE A 430 10.29 1.71 -1.28
CA PHE A 430 11.27 1.69 -2.37
C PHE A 430 12.00 0.34 -2.40
N THR A 431 12.38 -0.18 -1.23
CA THR A 431 13.12 -1.45 -1.17
C THR A 431 12.33 -2.67 -1.60
N MET A 432 11.01 -2.67 -1.35
CA MET A 432 10.18 -3.79 -1.75
C MET A 432 10.30 -4.06 -3.26
N ASP A 433 10.22 -3.01 -4.06
CA ASP A 433 10.36 -3.18 -5.50
C ASP A 433 11.80 -3.16 -6.01
N LYS A 434 12.71 -2.44 -5.36
CA LYS A 434 14.13 -2.53 -5.73
C LYS A 434 14.61 -3.98 -5.60
N TYR A 435 14.17 -4.66 -4.54
CA TYR A 435 14.49 -6.07 -4.34
C TYR A 435 13.94 -6.94 -5.47
N ARG A 436 12.64 -6.89 -5.68
CA ARG A 436 12.01 -7.72 -6.71
C ARG A 436 12.48 -7.37 -8.13
N TRP A 437 12.68 -6.08 -8.40
CA TRP A 437 13.26 -5.66 -9.68
C TRP A 437 14.61 -6.34 -9.91
N SER A 438 15.44 -6.41 -8.86
CA SER A 438 16.79 -6.98 -8.98
C SER A 438 16.76 -8.48 -9.21
N LEU A 439 15.75 -9.16 -8.65
CA LEU A 439 15.54 -10.58 -8.92
C LEU A 439 15.01 -10.79 -10.35
N PHE A 440 14.01 -9.99 -10.72
CA PHE A 440 13.40 -10.06 -12.05
C PHE A 440 14.41 -9.82 -13.17
N ARG A 441 15.27 -8.82 -12.97
CA ARG A 441 16.30 -8.44 -13.95
C ARG A 441 17.50 -9.41 -13.98
N GLY A 442 17.52 -10.38 -13.07
CA GLY A 442 18.60 -11.37 -13.02
C GLY A 442 19.91 -10.79 -12.52
N GLU A 443 19.82 -9.84 -11.60
CA GLU A 443 20.99 -9.11 -11.09
C GLU A 443 21.58 -9.76 -9.83
N VAL A 444 20.82 -10.67 -9.21
CA VAL A 444 21.25 -11.36 -8.00
C VAL A 444 21.22 -12.88 -8.23
N ASP A 445 22.35 -13.54 -7.98
CA ASP A 445 22.41 -15.00 -8.07
C ASP A 445 21.56 -15.63 -6.97
N LYS A 446 20.92 -16.75 -7.28
CA LYS A 446 20.04 -17.46 -6.34
C LYS A 446 20.68 -17.75 -4.99
N ALA A 447 22.00 -17.92 -5.00
CA ALA A 447 22.76 -18.15 -3.78
C ALA A 447 22.75 -16.94 -2.84
N ASN A 448 22.44 -15.77 -3.37
CA ASN A 448 22.52 -14.52 -2.60
C ASN A 448 21.17 -13.82 -2.36
N TRP A 449 20.06 -14.50 -2.66
CA TRP A 449 18.73 -13.89 -2.62
C TRP A 449 18.27 -13.35 -1.25
N ASN A 450 18.55 -14.07 -0.17
CA ASN A 450 18.10 -13.60 1.14
C ASN A 450 18.90 -12.41 1.68
N CYS A 451 20.22 -12.49 1.58
CA CYS A 451 21.03 -11.38 2.07
C CYS A 451 20.92 -10.14 1.17
N ALA A 452 20.56 -10.34 -0.10
CA ALA A 452 20.24 -9.22 -0.99
C ALA A 452 19.04 -8.42 -0.48
N PHE A 453 18.07 -9.12 0.10
CA PHE A 453 16.89 -8.48 0.71
C PHE A 453 17.31 -7.65 1.93
N TRP A 454 18.01 -8.29 2.86
CA TRP A 454 18.42 -7.58 4.08
C TRP A 454 19.45 -6.47 3.83
N LYS A 455 20.30 -6.65 2.83
CA LYS A 455 21.22 -5.58 2.41
C LYS A 455 20.48 -4.29 2.03
N LEU A 456 19.39 -4.43 1.27
CA LEU A 456 18.57 -3.28 0.89
C LEU A 456 17.87 -2.63 2.08
N ARG A 457 17.30 -3.45 2.96
CA ARG A 457 16.62 -2.95 4.15
C ARG A 457 17.59 -2.17 5.04
N ASP A 458 18.84 -2.66 5.14
CA ASP A 458 19.92 -1.96 5.85
C ASP A 458 20.27 -0.66 5.11
N GLU A 459 20.66 -0.75 3.85
CA GLU A 459 21.13 0.42 3.10
C GLU A 459 20.13 1.59 3.13
N TYR A 460 18.86 1.28 2.90
CA TYR A 460 17.84 2.31 2.75
C TYR A 460 17.13 2.71 4.04
N SER A 461 16.75 1.73 4.85
CA SER A 461 15.96 1.98 6.07
C SER A 461 16.78 1.96 7.36
N GLY A 462 17.96 1.36 7.34
CA GLY A 462 18.78 1.30 8.55
C GLY A 462 18.17 0.47 9.66
N ILE A 463 17.48 -0.60 9.25
CA ILE A 463 16.92 -1.57 10.17
C ILE A 463 17.54 -2.94 9.87
N GLU A 464 17.37 -3.88 10.79
CA GLU A 464 17.93 -5.22 10.64
C GLU A 464 17.09 -6.23 11.44
N PRO A 465 17.17 -7.53 11.08
CA PRO A 465 16.47 -8.58 11.84
C PRO A 465 16.95 -8.67 13.29
N PRO A 466 16.09 -9.18 14.19
CA PRO A 466 16.43 -9.30 15.62
C PRO A 466 17.44 -10.41 15.87
N VAL A 467 17.52 -11.35 14.95
CA VAL A 467 18.42 -12.50 15.04
C VAL A 467 19.19 -12.63 13.74
N VAL A 468 20.31 -13.36 13.81
CA VAL A 468 21.12 -13.66 12.63
C VAL A 468 20.33 -14.52 11.64
N ARG A 469 20.24 -14.04 10.40
CA ARG A 469 19.65 -14.80 9.30
C ARG A 469 20.76 -15.20 8.33
N SER A 470 20.44 -16.12 7.43
CA SER A 470 21.39 -16.59 6.43
C SER A 470 20.63 -16.97 5.17
N GLU A 471 21.34 -17.57 4.21
CA GLU A 471 20.71 -18.01 2.97
C GLU A 471 19.89 -19.29 3.16
N LYS A 472 19.91 -19.82 4.39
CA LYS A 472 19.01 -20.90 4.79
C LYS A 472 17.60 -20.37 5.05
N ASP A 473 17.50 -19.07 5.30
CA ASP A 473 16.21 -18.42 5.49
C ASP A 473 15.81 -17.72 4.20
N PHE A 474 14.53 -17.38 4.08
CA PHE A 474 14.06 -16.59 2.94
C PHE A 474 12.93 -15.69 3.38
N ASP A 475 13.24 -14.43 3.63
CA ASP A 475 12.39 -13.56 4.44
C ASP A 475 11.42 -12.64 3.68
N ALA A 476 11.71 -12.36 2.42
CA ALA A 476 10.90 -11.43 1.62
C ALA A 476 9.40 -11.75 1.58
N PRO A 477 9.02 -13.03 1.36
CA PRO A 477 7.59 -13.36 1.27
C PRO A 477 6.82 -13.25 2.59
N ALA A 478 7.52 -12.97 3.70
CA ALA A 478 6.84 -12.71 4.97
C ALA A 478 5.98 -11.42 4.91
N LYS A 479 6.19 -10.63 3.87
CA LYS A 479 5.37 -9.44 3.59
C LYS A 479 4.29 -9.80 2.58
N TYR A 480 3.04 -9.48 2.90
CA TYR A 480 1.88 -9.92 2.12
C TYR A 480 2.05 -9.73 0.61
N HIS A 481 2.38 -8.51 0.21
CA HIS A 481 2.46 -8.14 -1.21
C HIS A 481 3.49 -8.96 -1.97
N ILE A 482 4.49 -9.47 -1.26
CA ILE A 482 5.53 -10.28 -1.89
C ILE A 482 5.01 -11.70 -2.13
N SER A 483 4.34 -12.29 -1.14
CA SER A 483 3.69 -13.60 -1.31
C SER A 483 2.54 -13.55 -2.33
N ALA A 484 1.83 -12.42 -2.37
CA ALA A 484 0.63 -12.27 -3.20
C ALA A 484 0.89 -11.63 -4.56
N ASP A 485 2.17 -11.39 -4.88
CA ASP A 485 2.55 -10.83 -6.19
C ASP A 485 1.80 -9.51 -6.47
N VAL A 486 1.92 -8.57 -5.53
CA VAL A 486 1.35 -7.24 -5.71
C VAL A 486 2.47 -6.24 -5.82
N GLU A 487 2.52 -5.51 -6.94
CA GLU A 487 3.52 -4.46 -7.17
C GLU A 487 3.47 -3.44 -6.01
N TYR A 488 4.64 -3.01 -5.54
CA TYR A 488 4.70 -2.14 -4.36
C TYR A 488 5.04 -0.67 -4.62
N LEU A 489 5.60 -0.38 -5.80
CA LEU A 489 5.99 1.00 -6.13
C LEU A 489 4.80 1.95 -6.09
N ARG A 490 3.61 1.44 -6.35
CA ARG A 490 2.36 2.20 -6.21
C ARG A 490 2.28 2.91 -4.86
N TYR A 491 2.82 2.30 -3.81
CA TYR A 491 2.74 2.89 -2.47
C TYR A 491 3.77 4.01 -2.27
N LEU A 492 4.98 3.83 -2.80
CA LEU A 492 5.96 4.92 -2.82
C LEU A 492 5.37 6.12 -3.56
N VAL A 493 4.88 5.88 -4.77
CA VAL A 493 4.23 6.92 -5.57
C VAL A 493 3.10 7.58 -4.77
N SER A 494 2.21 6.76 -4.20
CA SER A 494 1.09 7.25 -3.40
C SER A 494 1.52 8.17 -2.27
N PHE A 495 2.50 7.72 -1.48
CA PHE A 495 2.94 8.49 -0.32
C PHE A 495 3.57 9.85 -0.70
N ILE A 496 4.05 9.96 -1.94
CA ILE A 496 4.52 11.26 -2.47
C ILE A 496 3.35 12.11 -2.99
N ILE A 497 2.55 11.54 -3.90
CA ILE A 497 1.50 12.34 -4.55
C ILE A 497 0.29 12.64 -3.67
N GLN A 498 0.06 11.83 -2.64
CA GLN A 498 -1.05 12.11 -1.72
C GLN A 498 -0.90 13.47 -1.03
N PHE A 499 0.34 13.94 -0.89
CA PHE A 499 0.59 15.27 -0.34
C PHE A 499 0.35 16.38 -1.35
N GLN A 500 0.59 16.10 -2.63
CA GLN A 500 0.21 17.02 -3.71
C GLN A 500 -1.31 17.18 -3.73
N PHE A 501 -2.02 16.05 -3.65
CA PHE A 501 -3.49 16.07 -3.57
C PHE A 501 -4.00 16.77 -2.31
N TYR A 502 -3.43 16.43 -1.17
CA TYR A 502 -3.85 16.98 0.12
C TYR A 502 -3.67 18.49 0.18
N LYS A 503 -2.49 18.97 -0.21
CA LYS A 503 -2.19 20.40 -0.24
C LYS A 503 -3.16 21.19 -1.13
N SER A 504 -3.39 20.69 -2.33
CA SER A 504 -4.29 21.37 -3.28
C SER A 504 -5.73 21.36 -2.80
N ALA A 505 -6.18 20.21 -2.29
CA ALA A 505 -7.52 20.07 -1.71
C ALA A 505 -7.72 21.00 -0.51
N CYS A 506 -6.68 21.13 0.31
CA CYS A 506 -6.70 22.03 1.46
C CYS A 506 -6.76 23.51 1.04
N ILE A 507 -5.97 23.87 0.02
CA ILE A 507 -6.02 25.22 -0.55
C ILE A 507 -7.43 25.49 -1.09
N LYS A 508 -7.98 24.56 -1.87
CA LYS A 508 -9.33 24.67 -2.41
C LYS A 508 -10.41 24.78 -1.33
N ALA A 509 -10.21 24.08 -0.21
CA ALA A 509 -11.18 24.09 0.90
C ALA A 509 -11.07 25.36 1.76
N GLY A 510 -10.08 26.20 1.46
CA GLY A 510 -9.79 27.38 2.27
C GLY A 510 -9.15 27.02 3.61
N GLN A 511 -8.63 25.80 3.69
CA GLN A 511 -8.10 25.24 4.93
C GLN A 511 -6.59 25.39 5.08
N TYR A 512 -5.91 25.82 4.01
CA TYR A 512 -4.48 26.04 4.05
C TYR A 512 -4.05 27.31 3.35
N ASP A 513 -3.33 28.15 4.08
CA ASP A 513 -2.67 29.34 3.55
C ASP A 513 -1.28 29.37 4.17
N PRO A 514 -0.24 29.35 3.32
CA PRO A 514 1.16 29.34 3.79
C PRO A 514 1.58 30.62 4.51
N ASP A 515 0.80 31.70 4.36
CA ASP A 515 1.09 32.97 5.03
C ASP A 515 0.18 33.24 6.23
N ASN A 516 -0.71 32.30 6.53
CA ASN A 516 -1.61 32.42 7.68
C ASN A 516 -1.30 31.38 8.75
N VAL A 517 -0.88 31.87 9.91
CA VAL A 517 -0.47 31.00 11.03
C VAL A 517 -1.61 30.12 11.57
N GLU A 518 -2.84 30.57 11.36
CA GLU A 518 -4.03 29.86 11.86
C GLU A 518 -4.47 28.74 10.92
N LEU A 519 -3.89 28.68 9.73
CA LEU A 519 -4.24 27.67 8.74
C LEU A 519 -3.04 26.82 8.31
N PRO A 520 -2.48 26.02 9.24
CA PRO A 520 -1.33 25.20 8.86
C PRO A 520 -1.77 23.94 8.11
N LEU A 521 -0.92 23.44 7.23
CA LEU A 521 -1.25 22.27 6.42
C LEU A 521 -1.52 21.04 7.27
N ASP A 522 -0.78 20.90 8.37
CA ASP A 522 -0.90 19.73 9.25
C ASP A 522 -2.13 19.72 10.17
N ASN A 523 -2.99 20.72 10.05
CA ASN A 523 -4.28 20.68 10.76
C ASN A 523 -5.47 20.93 9.83
N CYS A 524 -5.28 20.68 8.54
CA CYS A 524 -6.34 20.85 7.54
C CYS A 524 -7.38 19.72 7.59
N ASP A 525 -8.65 20.11 7.59
CA ASP A 525 -9.75 19.14 7.50
C ASP A 525 -10.60 19.45 6.28
N ILE A 526 -10.61 18.53 5.32
CA ILE A 526 -11.38 18.72 4.09
C ILE A 526 -12.81 18.15 4.18
N TYR A 527 -13.20 17.70 5.38
CA TYR A 527 -14.58 17.25 5.60
C TYR A 527 -15.55 18.35 5.16
N GLY A 528 -16.60 17.95 4.46
CA GLY A 528 -17.66 18.88 4.04
C GLY A 528 -17.33 19.79 2.88
N SER A 529 -16.13 19.64 2.31
CA SER A 529 -15.69 20.52 1.23
C SER A 529 -16.09 20.02 -0.16
N ALA A 530 -17.09 20.67 -0.75
CA ALA A 530 -17.54 20.36 -2.11
C ALA A 530 -16.51 20.78 -3.16
N ALA A 531 -15.75 21.82 -2.83
CA ALA A 531 -14.68 22.32 -3.69
C ALA A 531 -13.54 21.30 -3.86
N ALA A 532 -13.14 20.67 -2.75
CA ALA A 532 -12.12 19.61 -2.79
C ALA A 532 -12.68 18.36 -3.47
N GLY A 533 -13.95 18.06 -3.20
CA GLY A 533 -14.65 16.95 -3.84
C GLY A 533 -14.77 17.10 -5.35
N ALA A 534 -14.98 18.33 -5.81
CA ALA A 534 -15.06 18.64 -7.25
C ALA A 534 -13.75 18.28 -7.96
N ALA A 535 -12.63 18.59 -7.32
CA ALA A 535 -11.31 18.26 -7.87
C ALA A 535 -11.13 16.75 -7.95
N PHE A 536 -11.55 16.02 -6.92
CA PHE A 536 -11.55 14.56 -6.93
C PHE A 536 -12.41 13.99 -8.04
N HIS A 537 -13.62 14.53 -8.19
CA HIS A 537 -14.51 14.09 -9.26
C HIS A 537 -13.87 14.27 -10.64
N ASN A 538 -13.33 15.46 -10.89
CA ASN A 538 -12.67 15.78 -12.16
C ASN A 538 -11.57 14.76 -12.51
N MET A 539 -10.78 14.39 -11.52
CA MET A 539 -9.66 13.47 -11.73
C MET A 539 -10.10 12.01 -11.81
N LEU A 540 -10.81 11.54 -10.78
CA LEU A 540 -11.17 10.13 -10.67
C LEU A 540 -12.09 9.64 -11.78
N SER A 541 -12.97 10.52 -12.27
CA SER A 541 -13.92 10.14 -13.33
C SER A 541 -13.23 9.77 -14.64
N MET A 542 -11.99 10.22 -14.79
CA MET A 542 -11.17 9.92 -15.97
C MET A 542 -10.71 8.47 -16.04
N GLY A 543 -10.58 7.82 -14.88
CA GLY A 543 -9.96 6.49 -14.84
C GLY A 543 -8.61 6.54 -15.52
N ALA A 544 -8.37 5.60 -16.43
CA ALA A 544 -7.11 5.53 -17.17
C ALA A 544 -7.27 5.99 -18.63
N SER A 545 -8.27 6.83 -18.89
CA SER A 545 -8.57 7.33 -20.23
C SER A 545 -7.48 8.25 -20.81
N LYS A 546 -6.69 8.84 -19.92
CA LYS A 546 -5.59 9.72 -20.31
C LYS A 546 -4.35 9.37 -19.49
N PRO A 547 -3.14 9.65 -20.05
CA PRO A 547 -1.91 9.48 -19.26
C PRO A 547 -1.98 10.29 -17.96
N TRP A 548 -1.36 9.78 -16.90
CA TRP A 548 -1.55 10.33 -15.54
C TRP A 548 -1.25 11.83 -15.35
N PRO A 549 -0.30 12.41 -16.11
CA PRO A 549 -0.13 13.86 -15.94
C PRO A 549 -1.38 14.68 -16.29
N ASP A 550 -2.21 14.14 -17.18
CA ASP A 550 -3.50 14.77 -17.53
C ASP A 550 -4.52 14.62 -16.40
N ALA A 551 -4.43 13.51 -15.67
CA ALA A 551 -5.30 13.27 -14.52
C ALA A 551 -4.92 14.20 -13.36
N LEU A 552 -3.62 14.36 -13.12
CA LEU A 552 -3.11 15.32 -12.15
C LEU A 552 -3.54 16.75 -12.52
N GLU A 553 -3.43 17.09 -13.81
CA GLU A 553 -3.80 18.41 -14.30
C GLU A 553 -5.28 18.70 -14.07
N ALA A 554 -6.11 17.68 -14.19
CA ALA A 554 -7.55 17.78 -13.92
C ALA A 554 -7.84 18.08 -12.45
N PHE A 555 -6.93 17.66 -11.57
CA PHE A 555 -7.07 17.92 -10.14
C PHE A 555 -6.65 19.35 -9.75
N ASN A 556 -5.42 19.72 -10.10
CA ASN A 556 -4.85 20.99 -9.63
C ASN A 556 -4.02 21.79 -10.65
N GLY A 557 -4.12 21.41 -11.93
CA GLY A 557 -3.39 22.10 -12.99
C GLY A 557 -1.91 21.71 -13.13
N GLU A 558 -1.44 20.84 -12.24
CA GLU A 558 -0.03 20.38 -12.29
C GLU A 558 0.11 19.11 -13.13
N ARG A 559 1.31 18.89 -13.68
CA ARG A 559 1.54 17.75 -14.56
C ARG A 559 2.73 16.89 -14.10
N ILE A 560 3.36 17.29 -13.00
CA ILE A 560 4.61 16.70 -12.56
C ILE A 560 4.50 16.12 -11.14
N MET A 561 4.98 14.88 -10.97
CA MET A 561 5.15 14.27 -9.66
C MET A 561 6.27 14.99 -8.92
N SER A 562 5.98 15.48 -7.72
CA SER A 562 6.93 16.32 -6.99
C SER A 562 6.94 16.06 -5.49
N GLY A 563 8.13 16.11 -4.90
CA GLY A 563 8.29 15.98 -3.45
C GLY A 563 8.14 17.29 -2.69
N LYS A 564 7.81 18.37 -3.40
CA LYS A 564 7.67 19.68 -2.78
C LYS A 564 6.60 19.69 -1.67
N ALA A 565 5.45 19.08 -1.95
CA ALA A 565 4.31 19.11 -1.04
C ALA A 565 4.56 18.34 0.26
N ILE A 566 5.16 17.15 0.15
CA ILE A 566 5.49 16.38 1.35
C ILE A 566 6.53 17.10 2.22
N ALA A 567 7.52 17.71 1.57
CA ALA A 567 8.55 18.45 2.28
C ALA A 567 7.99 19.70 2.97
N GLU A 568 7.03 20.35 2.31
CA GLU A 568 6.32 21.50 2.84
C GLU A 568 5.54 21.12 4.11
N TYR A 569 4.83 20.00 4.05
CA TYR A 569 4.07 19.48 5.19
C TYR A 569 4.95 19.29 6.43
N PHE A 570 6.12 18.66 6.24
CA PHE A 570 6.98 18.30 7.36
C PHE A 570 8.05 19.35 7.71
N GLU A 571 8.11 20.43 6.95
CA GLU A 571 9.13 21.47 7.18
C GLU A 571 9.22 21.94 8.66
N PRO A 572 8.08 22.22 9.32
CA PRO A 572 8.18 22.58 10.74
C PRO A 572 8.84 21.50 11.62
N LEU A 573 8.58 20.23 11.30
CA LEU A 573 9.23 19.12 12.01
C LEU A 573 10.72 19.07 11.71
N ARG A 574 11.09 19.24 10.44
CA ARG A 574 12.50 19.19 10.02
C ARG A 574 13.33 20.22 10.77
N VAL A 575 12.81 21.45 10.88
CA VAL A 575 13.49 22.53 11.59
C VAL A 575 13.68 22.17 13.07
N TRP A 576 12.61 21.71 13.72
CA TRP A 576 12.68 21.31 15.13
C TRP A 576 13.62 20.13 15.37
N LEU A 577 13.53 19.11 14.52
CA LEU A 577 14.24 17.84 14.72
C LEU A 577 15.75 17.97 14.52
N GLU A 578 16.15 18.68 13.47
CA GLU A 578 17.55 18.95 13.21
C GLU A 578 18.19 19.59 14.44
N ALA A 579 17.50 20.59 14.99
CA ALA A 579 17.96 21.31 16.16
C ALA A 579 17.97 20.43 17.42
N GLU A 580 16.95 19.59 17.57
CA GLU A 580 16.86 18.68 18.71
C GLU A 580 17.98 17.63 18.69
N ASN A 581 18.28 17.12 17.50
CA ASN A 581 19.36 16.14 17.32
C ASN A 581 20.74 16.72 17.62
N ILE A 582 20.95 17.98 17.25
CA ILE A 582 22.18 18.70 17.58
C ILE A 582 22.25 18.94 19.09
N LYS A 583 21.15 19.40 19.67
CA LYS A 583 21.06 19.64 21.11
C LYS A 583 21.45 18.41 21.94
N ASN A 584 21.00 17.24 21.49
CA ASN A 584 21.19 15.98 22.22
C ASN A 584 22.36 15.14 21.70
N ASN A 585 23.18 15.73 20.83
CA ASN A 585 24.35 15.05 20.24
C ASN A 585 23.99 13.68 19.66
N VAL A 586 22.89 13.65 18.91
CA VAL A 586 22.35 12.40 18.37
C VAL A 586 23.16 11.90 17.18
N HIS A 587 23.63 10.66 17.28
CA HIS A 587 24.36 10.04 16.16
C HIS A 587 23.42 9.80 14.99
N ILE A 588 23.88 10.19 13.79
CA ILE A 588 23.10 10.03 12.56
C ILE A 588 23.82 9.06 11.63
N GLY A 589 23.06 8.15 11.02
CA GLY A 589 23.62 7.14 10.12
C GLY A 589 23.90 5.85 10.87
N TRP A 590 24.32 4.82 10.14
CA TRP A 590 24.52 3.50 10.73
C TRP A 590 25.61 2.68 10.04
N THR A 591 26.24 1.82 10.82
CA THR A 591 27.20 0.84 10.30
C THR A 591 26.47 -0.28 9.56
N THR A 592 27.17 -0.97 8.67
CA THR A 592 26.61 -2.09 7.93
C THR A 592 26.22 -3.21 8.90
N SER A 593 25.02 -3.76 8.71
CA SER A 593 24.48 -4.82 9.56
C SER A 593 25.32 -6.10 9.52
N ASN A 594 25.36 -6.80 10.65
CA ASN A 594 25.99 -8.11 10.78
CA ASN A 594 26.01 -8.12 10.67
C ASN A 594 24.99 -9.25 10.87
N LYS A 595 23.72 -8.94 10.59
CA LYS A 595 22.61 -9.89 10.81
C LYS A 595 22.24 -10.82 9.64
N CYS A 596 22.95 -10.73 8.52
CA CYS A 596 22.77 -11.71 7.44
C CYS A 596 24.11 -12.28 6.99
N VAL A 597 24.30 -13.56 7.28
CA VAL A 597 25.53 -14.28 6.94
C VAL A 597 25.48 -14.79 5.49
N SER A 598 26.44 -14.33 4.69
CA SER A 598 26.50 -14.65 3.27
C SER A 598 27.03 -16.05 3.00
#